data_8R62
#
_entry.id   8R62
#
loop_
_entity.id
_entity.type
_entity.pdbx_description
1 polymer "RNA (5'-R(*AP*UP*AP*CP*(PSU)P*(PSU)P*AP*CP*CP*UP*G)-3')"
2 polymer "RNA (5'-R(P*GP*GP*AP*GP*UP*AP*AP*GP*UP*CP*U)-3')"
3 non-polymer 7-(4,7-diazaspiro[2.5]octan-7-yl)-2-(2,8-dimethylimidazo[1,2-b]pyridazin-6-yl)-1~{H}-pyrido[1,2-a]pyrimidin-4-one
#
loop_
_entity_poly.entity_id
_entity_poly.type
_entity_poly.pdbx_seq_one_letter_code
_entity_poly.pdbx_strand_id
1 'polyribonucleotide' AUAC(PSU)(PSU)ACCUG A
2 'polyribonucleotide' GGAGUAAGUCU B
#
loop_
_chem_comp.id
_chem_comp.type
_chem_comp.name
_chem_comp.formula
A RNA linking ADENOSINE-5'-MONOPHOSPHATE 'C10 H14 N5 O7 P'
C RNA linking CYTIDINE-5'-MONOPHOSPHATE 'C9 H14 N3 O8 P'
G RNA linking GUANOSINE-5'-MONOPHOSPHATE 'C10 H14 N5 O8 P'
PSU RNA linking PSEUDOURIDINE-5'-MONOPHOSPHATE 'C9 H13 N2 O9 P'
U RNA linking URIDINE-5'-MONOPHOSPHATE 'C9 H13 N2 O9 P'
Y59 non-polymer 7-(4,7-diazaspiro[2.5]octan-7-yl)-2-(2,8-dimethylimidazo[1,2-b]pyridazin-6-yl)-1~{H}-pyrido[1,2-a]pyrimidin-4-one 'C22 H24 N7 O'
#
# COMPACT_ATOMS: atom_id res chain seq x y z
N1 PSU A 5 -4.27 4.97 3.59
C2 PSU A 5 -5.35 4.18 3.91
N3 PSU A 5 -5.19 3.46 5.07
C4 PSU A 5 -4.13 3.52 5.94
C5 PSU A 5 -3.04 4.44 5.58
C6 PSU A 5 -3.15 5.09 4.40
O2 PSU A 5 -6.38 4.16 3.25
O4 PSU A 5 -4.17 2.79 6.95
C1' PSU A 5 -1.84 4.58 6.51
C2' PSU A 5 -0.74 3.54 6.20
O2' PSU A 5 -0.11 3.14 7.43
C3' PSU A 5 0.18 4.34 5.27
C4' PSU A 5 0.12 5.72 5.94
O3' PSU A 5 1.55 3.87 5.17
O4' PSU A 5 -1.26 5.90 6.35
C5' PSU A 5 0.58 6.78 4.92
O5' PSU A 5 -0.32 6.77 3.79
P PSU A 5 -0.31 7.87 2.65
OP1 PSU A 5 1.09 8.07 2.16
OP2 PSU A 5 -1.32 7.43 1.62
HN1 PSU A 5 -4.41 5.52 2.77
HN3 PSU A 5 -5.91 2.81 5.30
H6 PSU A 5 -2.41 5.77 4.02
H1' PSU A 5 -2.18 4.48 7.53
H2' PSU A 5 -1.13 2.66 5.74
HO2' PSU A 5 0.68 2.62 7.23
H3' PSU A 5 -0.27 4.36 4.29
H4' PSU A 5 0.75 5.74 6.81
H5' PSU A 5 0.57 7.75 5.37
H5'' PSU A 5 1.56 6.51 4.57
N1 PSU A 6 -2.64 1.06 2.98
C2 PSU A 6 -3.84 0.47 2.64
N3 PSU A 6 -4.15 -0.63 3.37
C4 PSU A 6 -3.41 -1.21 4.37
C5 PSU A 6 -2.15 -0.53 4.70
C6 PSU A 6 -1.81 0.55 3.96
O2 PSU A 6 -4.56 0.92 1.76
O4 PSU A 6 -3.85 -2.24 4.90
C1' PSU A 6 -1.27 -1.09 5.80
C2' PSU A 6 -0.38 -2.23 5.26
O2' PSU A 6 -0.22 -3.25 6.25
C3' PSU A 6 0.92 -1.47 4.98
C4' PSU A 6 0.95 -0.48 6.14
O3' PSU A 6 2.10 -2.29 5.00
O4' PSU A 6 -0.42 -0.04 6.32
C5' PSU A 6 1.91 0.68 5.77
O5' PSU A 6 1.39 1.40 4.63
P PSU A 6 2.00 2.78 4.11
OP1 PSU A 6 3.49 2.71 4.15
OP2 PSU A 6 1.43 3.08 2.75
HN1 PSU A 6 -2.41 1.86 2.42
HN3 PSU A 6 -4.97 -1.15 3.10
H6 PSU A 6 -0.90 1.11 4.11
H1' PSU A 6 -1.90 -1.46 6.60
H2' PSU A 6 -0.77 -2.69 4.38
HO2' PSU A 6 0.72 -3.37 6.42
H3' PSU A 6 0.83 -0.96 4.03
H4' PSU A 6 1.28 -0.97 7.04
H5' PSU A 6 1.98 1.36 6.60
H5'' PSU A 6 2.87 0.27 5.50
C8 Y59 C . -3.56 1.94 -9.22
O17 Y59 C . -0.60 -5.15 -5.77
C7 Y59 C . -3.43 0.61 -8.88
C2 Y59 C . -0.18 0.93 -6.40
C1 Y59 C . -0.73 -0.37 -6.63
C3 Y59 C . -0.72 2.05 -7.04
C4 Y59 C . -1.80 1.80 -7.89
N5 Y59 C . -2.32 0.55 -8.06
N6 Y59 C . -1.81 -0.55 -7.45
N9 Y59 C . -2.59 2.69 -8.60
C10 Y59 C . 2.91 -4.75 -3.39
C11 Y59 C . 3.38 -3.44 -3.20
C12 Y59 C . 2.66 -2.34 -3.72
C13 Y59 C . 1.48 -2.53 -4.46
N14 Y59 C . 0.99 -3.82 -4.70
C15 Y59 C . 1.70 -4.90 -4.07
C16 Y59 C . -0.06 -4.05 -5.57
C18 Y59 C . -0.56 -2.83 -6.21
C19 Y59 C . -0.11 -1.52 -5.96
N20 Y59 C . 0.87 -1.39 -4.97
C21 Y59 C . 4.40 -8.05 -3.76
C22 Y59 C . 3.24 -7.29 -3.06
N23 Y59 C . 3.66 -5.85 -2.90
C24 Y59 C . 5.07 -5.64 -2.44
C25 Y59 C . 5.75 -6.93 -1.92
N26 Y59 C . 5.57 -8.15 -2.81
C27 Y59 C . 7.07 -6.81 -1.21
C28 Y59 C . 5.82 -7.15 -0.43
C29 Y59 C . -0.20 3.45 -6.79
C30 Y59 C . -4.66 2.44 -10.08
H7 Y59 C . -4.01 -0.26 -9.13
H2 Y59 C . 0.68 1.03 -5.73
H11 Y59 C . 4.29 -3.23 -2.64
H12 Y59 C . 3.05 -1.35 -3.52
H15 Y59 C . 1.21 -5.86 -4.20
H18 Y59 C . -1.35 -2.97 -6.94
H20 Y59 C . 1.15 -0.48 -4.63
H21B Y59 C . 4.07 -9.05 -4.07
H21A Y59 C . 4.70 -7.48 -4.64
H22B Y59 C . 2.28 -7.41 -3.57
H22A Y59 C . 3.11 -7.72 -2.06
H24B Y59 C . 5.66 -5.26 -3.28
H24A Y59 C . 5.11 -4.89 -1.64
H26B Y59 C . 5.45 -9.00 -2.23
H27A Y59 C . 7.81 -7.60 -1.35
H27B Y59 C . 7.50 -5.82 -1.08
H28B Y59 C . 5.44 -6.37 0.23
H28A Y59 C . 5.74 -8.16 -0.05
H29B Y59 C . 0.72 3.45 -6.19
H29A Y59 C . -0.95 4.06 -6.27
H29C Y59 C . 0.03 3.93 -7.75
H30C Y59 C . -4.42 3.45 -10.47
H30B Y59 C . -5.59 2.50 -9.50
H30A Y59 C . -4.81 1.77 -10.93
H26A Y59 C . 6.42 -8.37 -3.36
H9 Y59 C . -2.44 3.68 -8.74
N1 PSU A 5 -4.35 5.00 3.47
C2 PSU A 5 -5.45 4.22 3.79
N3 PSU A 5 -5.34 3.53 4.96
C4 PSU A 5 -4.29 3.56 5.86
C5 PSU A 5 -3.16 4.42 5.48
C6 PSU A 5 -3.24 5.08 4.29
O2 PSU A 5 -6.49 4.21 3.12
O4 PSU A 5 -4.35 2.81 6.83
C1' PSU A 5 -1.97 4.50 6.40
C2' PSU A 5 -0.90 3.46 6.01
O2' PSU A 5 -0.35 2.90 7.20
C3' PSU A 5 0.11 4.32 5.24
C4' PSU A 5 0.00 5.65 6.00
O3' PSU A 5 1.48 3.85 5.26
O4' PSU A 5 -1.39 5.81 6.33
C5' PSU A 5 0.51 6.77 5.06
O5' PSU A 5 -0.35 6.82 3.89
P PSU A 5 -0.30 7.92 2.76
OP1 PSU A 5 1.12 8.14 2.33
OP2 PSU A 5 -1.19 7.48 1.64
HN1 PSU A 5 -4.41 5.44 2.58
HN3 PSU A 5 -6.09 2.90 5.18
H6 PSU A 5 -2.45 5.70 3.90
H1' PSU A 5 -2.28 4.32 7.41
H2' PSU A 5 -1.32 2.64 5.45
HO2' PSU A 5 0.17 2.12 6.97
H3' PSU A 5 -0.23 4.39 4.22
H4' PSU A 5 0.58 5.60 6.91
H5' PSU A 5 0.47 7.72 5.54
H5'' PSU A 5 1.50 6.50 4.72
N1 PSU A 6 -2.64 1.00 2.79
C2 PSU A 6 -3.87 0.44 2.52
N3 PSU A 6 -4.21 -0.62 3.32
C4 PSU A 6 -3.45 -1.16 4.34
C5 PSU A 6 -2.16 -0.49 4.61
C6 PSU A 6 -1.81 0.53 3.80
O2 PSU A 6 -4.65 0.89 1.67
O4 PSU A 6 -3.88 -2.18 4.90
C1' PSU A 6 -1.29 -1.05 5.70
C2' PSU A 6 -0.40 -2.19 5.16
O2' PSU A 6 -0.26 -3.20 6.16
C3' PSU A 6 0.91 -1.44 4.92
C4' PSU A 6 0.92 -0.47 6.11
O3' PSU A 6 2.10 -2.26 4.93
O4' PSU A 6 -0.44 -0.01 6.23
C5' PSU A 6 1.90 0.68 5.79
O5' PSU A 6 1.41 1.42 4.65
P PSU A 6 2.00 2.82 4.18
OP1 PSU A 6 3.49 2.76 4.23
OP2 PSU A 6 1.45 3.09 2.81
HN1 PSU A 6 -2.33 1.66 2.11
HN3 PSU A 6 -5.02 -1.14 3.06
H6 PSU A 6 -0.87 1.04 3.87
H1' PSU A 6 -1.89 -1.43 6.50
H2' PSU A 6 -0.80 -2.66 4.29
HO2' PSU A 6 -1.09 -3.64 6.33
H3' PSU A 6 0.85 -0.92 3.98
H4' PSU A 6 1.20 -0.98 7.01
H5' PSU A 6 1.94 1.37 6.62
H5'' PSU A 6 2.86 0.27 5.54
C8 Y59 C . -3.75 1.97 -9.34
O17 Y59 C . -0.52 -4.88 -5.76
C7 Y59 C . -3.53 0.67 -9.00
C2 Y59 C . -0.41 1.21 -6.37
C1 Y59 C . -0.81 -0.12 -6.66
C3 Y59 C . -1.00 2.30 -7.01
C4 Y59 C . -2.04 1.97 -7.91
N5 Y59 C . -2.45 0.71 -8.14
N6 Y59 C . -1.86 -0.35 -7.52
N9 Y59 C . -2.88 2.80 -8.65
C10 Y59 C . 3.01 -4.38 -3.48
C11 Y59 C . 3.47 -3.04 -3.28
C12 Y59 C . 2.74 -1.98 -3.85
C13 Y59 C . 1.55 -2.19 -4.59
N14 Y59 C . 1.07 -3.49 -4.77
C15 Y59 C . 1.79 -4.57 -4.11
C16 Y59 C . 0.00 -3.77 -5.58
C18 Y59 C . -0.53 -2.55 -6.23
C19 Y59 C . -0.11 -1.23 -6.01
N20 Y59 C . 0.93 -1.09 -5.06
C21 Y59 C . 4.02 -7.85 -2.24
C22 Y59 C . 3.00 -6.75 -2.60
N23 Y59 C . 3.69 -5.50 -2.98
C24 Y59 C . 5.22 -5.45 -2.79
C25 Y59 C . 5.85 -6.59 -3.60
N26 Y59 C . 5.13 -7.94 -3.28
C27 Y59 C . 6.39 -6.38 -4.89
C28 Y59 C . 7.28 -6.64 -3.70
C29 Y59 C . -0.62 3.74 -6.73
C30 Y59 C . -4.84 2.43 -10.23
H7 Y59 C . -4.05 -0.23 -9.30
H2 Y59 C . 0.40 1.30 -5.65
H11 Y59 C . 4.36 -2.77 -2.72
H12 Y59 C . 3.14 -0.99 -3.65
H15 Y59 C . 1.37 -5.58 -4.17
H18 Y59 C . -1.34 -2.69 -6.91
H20 Y59 C . 1.30 -0.20 -4.73
H21B Y59 C . 3.50 -8.80 -2.11
H21A Y59 C . 4.48 -7.61 -1.29
H22B Y59 C . 2.38 -7.04 -3.46
H22A Y59 C . 2.33 -6.52 -1.76
H24B Y59 C . 5.67 -4.49 -3.09
H24A Y59 C . 5.42 -5.42 -1.72
H26B Y59 C . 5.78 -8.64 -2.91
H27A Y59 C . 6.34 -7.18 -5.63
H27B Y59 C . 6.36 -5.34 -5.23
H28B Y59 C . 7.77 -5.77 -3.29
H28A Y59 C . 7.79 -7.60 -3.66
H29B Y59 C . 0.35 3.85 -6.23
H29A Y59 C . -1.38 4.24 -6.11
H29C Y59 C . -0.55 4.29 -7.68
H30C Y59 C . -4.61 3.44 -10.61
H30B Y59 C . -5.78 2.46 -9.65
H30A Y59 C . -4.92 1.75 -11.09
H26A Y59 C . 4.60 -8.34 -4.08
H9 Y59 C . -2.83 3.81 -8.75
N1 PSU A 5 -4.33 4.99 3.49
C2 PSU A 5 -5.44 4.23 3.82
N3 PSU A 5 -5.33 3.56 5.01
C4 PSU A 5 -4.27 3.59 5.90
C5 PSU A 5 -3.14 4.46 5.52
C6 PSU A 5 -3.22 5.08 4.32
O2 PSU A 5 -6.48 4.23 3.16
O4 PSU A 5 -4.34 2.88 6.91
C1' PSU A 5 -1.95 4.54 6.45
C2' PSU A 5 -0.90 3.49 6.09
O2' PSU A 5 -0.27 2.98 7.27
C3' PSU A 5 0.07 4.31 5.24
C4' PSU A 5 0.03 5.65 6.01
O3' PSU A 5 1.44 3.83 5.16
O4' PSU A 5 -1.36 5.85 6.36
C5' PSU A 5 0.56 6.76 5.08
O5' PSU A 5 -0.32 6.85 3.93
P PSU A 5 -0.25 7.97 2.81
OP1 PSU A 5 1.17 8.19 2.42
OP2 PSU A 5 -1.15 7.50 1.69
HN1 PSU A 5 -4.37 5.40 2.59
HN3 PSU A 5 -6.08 2.94 5.23
H6 PSU A 5 -2.41 5.69 3.93
H1' PSU A 5 -2.27 4.37 7.46
H2' PSU A 5 -1.32 2.64 5.61
HO2' PSU A 5 0.16 2.15 7.10
H3' PSU A 5 -0.33 4.40 4.25
H4' PSU A 5 0.60 5.57 6.92
H5' PSU A 5 0.55 7.71 5.59
H5'' PSU A 5 1.54 6.48 4.74
N1 PSU A 6 -2.71 1.01 2.92
C2 PSU A 6 -3.92 0.41 2.60
N3 PSU A 6 -4.23 -0.69 3.35
C4 PSU A 6 -3.47 -1.25 4.36
C5 PSU A 6 -2.22 -0.53 4.70
C6 PSU A 6 -1.89 0.53 3.92
O2 PSU A 6 -4.67 0.86 1.75
O4 PSU A 6 -3.90 -2.27 4.91
C1' PSU A 6 -1.36 -1.07 5.82
C2' PSU A 6 -0.46 -2.22 5.34
O2' PSU A 6 -0.33 -3.16 6.42
C3' PSU A 6 0.83 -1.46 5.05
C4' PSU A 6 0.85 -0.43 6.19
O3' PSU A 6 2.05 -2.23 5.04
O4' PSU A 6 -0.53 0.00 6.32
C5' PSU A 6 1.80 0.73 5.80
O5' PSU A 6 1.27 1.40 4.64
P PSU A 6 1.84 2.76 4.06
OP1 PSU A 6 3.33 2.68 3.96
OP2 PSU A 6 1.17 3.00 2.74
HN1 PSU A 6 -2.47 1.76 2.31
HN3 PSU A 6 -5.04 -1.20 3.10
H6 PSU A 6 -0.98 1.09 4.05
H1' PSU A 6 -2.00 -1.41 6.62
H2' PSU A 6 -0.83 -2.74 4.48
HO2' PSU A 6 0.58 -3.49 6.42
H3' PSU A 6 0.71 -0.96 4.10
H4' PSU A 6 1.16 -0.89 7.12
H5' PSU A 6 1.84 1.45 6.59
H5'' PSU A 6 2.77 0.33 5.55
C8 Y59 C . -3.63 1.83 -9.17
O17 Y59 C . -0.52 -5.17 -5.72
C7 Y59 C . -3.42 0.52 -8.87
C2 Y59 C . -0.44 0.93 -6.09
C1 Y59 C . -0.84 -0.36 -6.43
C3 Y59 C . -0.99 2.06 -6.71
C4 Y59 C . -1.96 1.78 -7.68
N5 Y59 C . -2.38 0.52 -7.97
N6 Y59 C . -1.83 -0.56 -7.36
N9 Y59 C . -2.77 2.63 -8.45
C10 Y59 C . 3.00 -4.71 -3.29
C11 Y59 C . 3.36 -3.36 -2.99
C12 Y59 C . 2.58 -2.32 -3.53
C13 Y59 C . 1.46 -2.54 -4.34
N14 Y59 C . 1.04 -3.85 -4.61
C15 Y59 C . 1.79 -4.92 -3.96
C16 Y59 C . -0.01 -4.07 -5.47
C18 Y59 C . -0.55 -2.82 -6.06
C19 Y59 C . -0.17 -1.50 -5.79
N20 Y59 C . 0.84 -1.40 -4.81
C21 Y59 C . 4.07 -8.21 -2.11
C22 Y59 C . 3.25 -7.19 -2.88
N23 Y59 C . 3.78 -5.81 -2.85
C24 Y59 C . 5.31 -5.65 -2.78
C25 Y59 C . 6.04 -6.76 -2.06
N26 Y59 C . 5.56 -8.11 -2.50
C27 Y59 C . 7.46 -6.62 -1.76
C28 Y59 C . 6.41 -6.61 -0.66
C29 Y59 C . -0.60 3.49 -6.35
C30 Y59 C . -4.71 2.30 -10.10
H7 Y59 C . -3.94 -0.37 -9.22
H2 Y59 C . 0.33 1.03 -5.33
H11 Y59 C . 4.21 -3.06 -2.40
H12 Y59 C . 2.93 -1.33 -3.28
H15 Y59 C . 1.39 -5.93 -4.09
H18 Y59 C . -1.35 -2.93 -6.77
H20 Y59 C . 1.19 -0.52 -4.47
H21B Y59 C . 3.63 -9.20 -2.27
H21A Y59 C . 4.00 -8.02 -1.03
H22B Y59 C . 3.24 -7.58 -3.91
H22A Y59 C . 2.25 -7.15 -2.44
H24B Y59 C . 5.58 -5.42 -3.82
H24A Y59 C . 5.57 -4.69 -2.33
H26B Y59 C . 6.04 -8.84 -1.93
H27A Y59 C . 8.09 -7.50 -1.86
H27B Y59 C . 7.89 -5.67 -2.07
H28B Y59 C . 6.15 -5.64 -0.26
H28A Y59 C . 6.34 -7.48 -0.02
H29B Y59 C . 0.30 3.79 -6.90
H29A Y59 C . -0.42 3.63 -5.28
H29C Y59 C . -1.40 4.18 -6.65
H30C Y59 C . -5.65 2.38 -9.54
H30B Y59 C . -4.81 1.61 -10.93
H30A Y59 C . -4.44 3.29 -10.50
H26A Y59 C . 5.60 -8.36 -3.50
H9 Y59 C . -2.70 3.64 -8.53
N1 PSU A 5 -4.24 4.95 3.52
C2 PSU A 5 -5.35 4.19 3.85
N3 PSU A 5 -5.24 3.51 5.04
C4 PSU A 5 -4.17 3.54 5.92
C5 PSU A 5 -3.06 4.42 5.55
C6 PSU A 5 -3.12 5.05 4.34
O2 PSU A 5 -6.38 4.19 3.18
O4 PSU A 5 -4.25 2.83 6.93
C1' PSU A 5 -1.88 4.56 6.50
C2' PSU A 5 -0.77 3.52 6.23
O2' PSU A 5 -0.19 3.12 7.48
C3' PSU A 5 0.17 4.32 5.32
C4' PSU A 5 0.08 5.70 5.97
O3' PSU A 5 1.55 3.86 5.29
O4' PSU A 5 -1.32 5.88 6.32
C5' PSU A 5 0.58 6.77 4.98
O5' PSU A 5 -0.26 6.82 3.80
P PSU A 5 -0.18 8.02 2.76
OP1 PSU A 5 1.26 8.28 2.45
OP2 PSU A 5 -1.02 7.64 1.58
HN1 PSU A 5 -4.30 5.41 2.65
HN3 PSU A 5 -5.99 2.90 5.27
H6 PSU A 5 -2.34 5.69 3.97
H1' PSU A 5 -2.25 4.48 7.50
H2' PSU A 5 -1.15 2.63 5.76
HO2' PSU A 5 0.61 2.63 7.30
H3' PSU A 5 -0.22 4.32 4.33
H4' PSU A 5 0.67 5.73 6.87
H5' PSU A 5 0.55 7.73 5.45
H5'' PSU A 5 1.58 6.51 4.66
N1 PSU A 6 -2.62 0.98 2.95
C2 PSU A 6 -3.84 0.41 2.63
N3 PSU A 6 -4.16 -0.69 3.37
C4 PSU A 6 -3.42 -1.27 4.38
C5 PSU A 6 -2.16 -0.59 4.71
C6 PSU A 6 -1.80 0.48 3.95
O2 PSU A 6 -4.60 0.88 1.78
O4 PSU A 6 -3.86 -2.29 4.92
C1' PSU A 6 -1.30 -1.14 5.83
C2' PSU A 6 -0.39 -2.27 5.33
O2' PSU A 6 -0.28 -3.29 6.33
C3' PSU A 6 0.93 -1.52 5.12
C4' PSU A 6 0.90 -0.51 6.26
O3' PSU A 6 2.10 -2.35 5.21
O4' PSU A 6 -0.48 -0.07 6.36
C5' PSU A 6 1.87 0.64 5.91
O5' PSU A 6 1.38 1.38 4.78
P PSU A 6 2.04 2.74 4.26
OP1 PSU A 6 3.54 2.66 4.40
OP2 PSU A 6 1.53 3.05 2.88
HN1 PSU A 6 -2.37 1.75 2.36
HN3 PSU A 6 -4.98 -1.20 3.10
H6 PSU A 6 -0.89 1.03 4.09
H1' PSU A 6 -1.94 -1.50 6.62
H2' PSU A 6 -0.76 -2.73 4.45
HO2' PSU A 6 0.61 -3.28 6.70
H3' PSU A 6 0.91 -1.03 4.15
H4' PSU A 6 1.18 -0.97 7.19
H5' PSU A 6 1.92 1.32 6.74
H5'' PSU A 6 2.83 0.24 5.66
C8 Y59 C . -3.55 1.83 -9.25
O17 Y59 C . -0.81 -5.23 -5.63
C7 Y59 C . -3.48 0.53 -8.81
C2 Y59 C . 0.14 0.66 -6.88
C1 Y59 C . -0.56 -0.59 -6.96
C3 Y59 C . -0.40 1.80 -7.52
C4 Y59 C . -1.62 1.62 -8.19
N5 Y59 C . -2.26 0.42 -8.18
N6 Y59 C . -1.75 -0.68 -7.56
N9 Y59 C . -2.45 2.52 -8.83
C10 Y59 C . 2.72 -4.87 -3.32
C11 Y59 C . 3.38 -3.63 -3.31
C12 Y59 C . 2.86 -2.59 -4.09
C13 Y59 C . 1.68 -2.74 -4.86
N14 Y59 C . 0.96 -3.96 -4.84
C15 Y59 C . 1.52 -4.98 -4.02
C16 Y59 C . -0.17 -4.19 -5.59
C18 Y59 C . -0.59 -3.00 -6.32
C19 Y59 C . 0.05 -1.76 -6.30
N20 Y59 C . 1.30 -1.68 -5.65
C21 Y59 C . 3.98 -7.76 -4.11
C22 Y59 C . 3.00 -7.38 -3.06
N23 Y59 C . 3.32 -5.98 -2.66
C24 Y59 C . 4.61 -5.92 -1.92
C25 Y59 C . 5.72 -6.30 -3.00
N26 Y59 C . 5.42 -7.65 -3.62
C27 Y59 C . 6.55 -5.28 -3.76
C28 Y59 C . 7.14 -6.09 -2.63
C29 Y59 C . 0.28 3.17 -7.46
C30 Y59 C . -4.70 2.40 -10.00
H7 Y59 C . -4.19 -0.28 -8.91
H2 Y59 C . 1.06 0.74 -6.33
H11 Y59 C . 4.33 -3.51 -2.81
H12 Y59 C . 3.47 -1.70 -4.14
H15 Y59 C . 0.96 -5.92 -3.98
H18 Y59 C . -1.55 -3.13 -6.80
H20 Y59 C . 1.85 -0.85 -5.73
H21B Y59 C . 3.75 -8.79 -4.39
H21A Y59 C . 3.85 -7.10 -4.97
H22B Y59 C . 3.21 -8.02 -2.18
H22A Y59 C . 1.96 -7.46 -3.35
H24B Y59 C . 4.86 -4.97 -1.44
H24A Y59 C . 4.72 -6.66 -1.12
H26B Y59 C . 5.63 -8.39 -2.94
H27A Y59 C . 6.74 -5.56 -4.80
H27B Y59 C . 6.38 -4.23 -3.58
H28B Y59 C . 7.42 -5.54 -1.73
H28A Y59 C . 7.83 -6.89 -2.87
H29B Y59 C . 0.34 3.55 -8.48
H29A Y59 C . 1.29 3.13 -7.05
H29C Y59 C . -0.32 3.88 -6.87
H30C Y59 C . -4.49 3.42 -10.30
H30B Y59 C . -5.59 2.39 -9.35
H30A Y59 C . -4.90 1.81 -10.90
H26A Y59 C . 6.11 -7.86 -4.36
H9 Y59 C . -2.22 3.45 -9.18
N1 PSU A 5 -4.34 5.01 3.44
C2 PSU A 5 -5.46 4.26 3.76
N3 PSU A 5 -5.37 3.60 4.97
C4 PSU A 5 -4.33 3.64 5.87
C5 PSU A 5 -3.18 4.47 5.47
C6 PSU A 5 -3.23 5.10 4.26
O2 PSU A 5 -6.47 4.22 3.08
O4 PSU A 5 -4.42 2.94 6.88
C1' PSU A 5 -2.01 4.57 6.40
C2' PSU A 5 -0.94 3.52 6.05
O2' PSU A 5 -0.42 2.98 7.25
C3' PSU A 5 0.09 4.35 5.28
C4' PSU A 5 -0.02 5.68 6.01
O3' PSU A 5 1.44 3.85 5.35
O4' PSU A 5 -1.42 5.87 6.31
C5' PSU A 5 0.54 6.79 5.09
O5' PSU A 5 -0.29 6.88 3.90
P PSU A 5 -0.19 8.06 2.85
OP1 PSU A 5 1.25 8.32 2.60
OP2 PSU A 5 -1.01 7.69 1.65
HN1 PSU A 5 -4.38 5.44 2.54
HN3 PSU A 5 -6.13 2.98 5.18
H6 PSU A 5 -2.43 5.71 3.88
H1' PSU A 5 -2.35 4.41 7.41
H2' PSU A 5 -1.35 2.70 5.49
HO2' PSU A 5 0.28 2.36 7.04
H3' PSU A 5 -0.22 4.41 4.25
H4' PSU A 5 0.53 5.64 6.94
H5' PSU A 5 0.52 7.73 5.59
H5'' PSU A 5 1.53 6.51 4.78
N1 PSU A 6 -2.67 1.04 2.87
C2 PSU A 6 -3.88 0.46 2.55
N3 PSU A 6 -4.22 -0.62 3.31
C4 PSU A 6 -3.49 -1.18 4.34
C5 PSU A 6 -2.21 -0.51 4.64
C6 PSU A 6 -1.84 0.54 3.86
O2 PSU A 6 -4.62 0.90 1.66
O4 PSU A 6 -3.92 -2.19 4.90
C1' PSU A 6 -1.33 -1.08 5.74
C2' PSU A 6 -0.42 -2.19 5.18
O2' PSU A 6 -0.33 -3.24 6.14
C3' PSU A 6 0.89 -1.43 4.99
C4' PSU A 6 0.86 -0.48 6.18
O3' PSU A 6 2.07 -2.28 5.06
O4' PSU A 6 -0.51 -0.04 6.28
C5' PSU A 6 1.84 0.68 5.88
O5' PSU A 6 1.37 1.42 4.74
P PSU A 6 2.00 2.82 4.29
OP1 PSU A 6 3.49 2.74 4.44
OP2 PSU A 6 1.49 3.12 2.92
HN1 PSU A 6 -2.39 1.77 2.25
HN3 PSU A 6 -5.04 -1.14 3.04
H6 PSU A 6 -0.91 1.05 3.97
H1' PSU A 6 -1.95 -1.47 6.52
H2' PSU A 6 -0.79 -2.61 4.27
HO2' PSU A 6 -1.18 -3.68 6.25
H3' PSU A 6 0.88 -0.92 4.05
H4' PSU A 6 1.13 -0.99 7.08
H5' PSU A 6 1.85 1.35 6.73
H5'' PSU A 6 2.81 0.28 5.66
C8 Y59 C . -3.64 1.78 -9.20
O17 Y59 C . -0.28 -5.12 -5.64
C7 Y59 C . -3.40 0.47 -8.93
C2 Y59 C . -0.53 0.96 -6.04
C1 Y59 C . -0.88 -0.34 -6.41
C3 Y59 C . -1.11 2.08 -6.68
C4 Y59 C . -2.03 1.75 -7.69
N5 Y59 C . -2.38 0.49 -7.99
N6 Y59 C . -1.81 -0.59 -7.37
N9 Y59 C . -2.82 2.59 -8.46
C10 Y59 C . 3.18 -4.37 -3.31
C11 Y59 C . 3.49 -3.01 -3.00
C12 Y59 C . 2.66 -2.01 -3.50
C13 Y59 C . 1.53 -2.33 -4.27
N14 Y59 C . 1.19 -3.66 -4.59
C15 Y59 C . 2.02 -4.67 -4.04
C16 Y59 C . 0.14 -3.99 -5.42
C18 Y59 C . -0.49 -2.78 -6.01
C19 Y59 C . -0.16 -1.47 -5.76
N20 Y59 C . 0.85 -1.24 -4.80
C21 Y59 C . 4.02 -7.82 -2.87
C22 Y59 C . 4.39 -6.57 -3.60
N23 Y59 C . 4.06 -5.36 -2.81
C24 Y59 C . 4.74 -5.22 -1.48
C25 Y59 C . 5.39 -6.65 -1.07
N26 Y59 C . 4.58 -7.84 -1.43
C27 Y59 C . 6.89 -6.76 -0.96
C28 Y59 C . 6.04 -6.67 0.28
C29 Y59 C . -0.79 3.51 -6.30
C30 Y59 C . -4.71 2.26 -10.13
H7 Y59 C . -3.90 -0.40 -9.29
H2 Y59 C . 0.22 1.12 -5.27
H11 Y59 C . 4.35 -2.79 -2.38
H12 Y59 C . 2.98 -1.02 -3.21
H15 Y59 C . 1.76 -5.73 -4.15
H18 Y59 C . -1.29 -3.01 -6.71
H20 Y59 C . 1.08 -0.29 -4.55
H21B Y59 C . 2.94 -7.86 -2.84
H21A Y59 C . 4.46 -8.61 -3.48
H22B Y59 C . 3.92 -6.52 -4.60
H22A Y59 C . 5.47 -6.58 -3.74
H24B Y59 C . 5.53 -4.47 -1.49
H24A Y59 C . 4.03 -4.88 -0.70
H26B Y59 C . 3.77 -7.89 -0.79
H27A Y59 C . 7.25 -7.74 -1.27
H27B Y59 C . 7.52 -5.91 -1.21
H28B Y59 C . 6.10 -5.76 0.86
H28A Y59 C . 5.84 -7.56 0.85
H29B Y59 C . -1.73 4.08 -6.21
H29A Y59 C . -0.21 4.00 -7.10
H29C Y59 C . -0.25 3.61 -5.37
H30C Y59 C . -4.90 1.52 -10.92
H30B Y59 C . -4.41 3.20 -10.61
H30A Y59 C . -5.64 2.44 -9.58
H26A Y59 C . 5.10 -8.72 -1.23
H9 Y59 C . -2.78 3.60 -8.49
N1 PSU A 5 -4.34 4.99 3.50
C2 PSU A 5 -5.46 4.24 3.83
N3 PSU A 5 -5.36 3.55 5.00
C4 PSU A 5 -4.30 3.57 5.89
C5 PSU A 5 -3.16 4.42 5.51
C6 PSU A 5 -3.23 5.06 4.31
O2 PSU A 5 -6.48 4.22 3.14
O4 PSU A 5 -4.37 2.84 6.89
C1' PSU A 5 -1.97 4.49 6.44
C2' PSU A 5 -0.92 3.45 6.05
O2' PSU A 5 -0.37 2.89 7.24
C3' PSU A 5 0.08 4.29 5.25
C4' PSU A 5 0.02 5.61 6.03
O3' PSU A 5 1.44 3.79 5.22
O4' PSU A 5 -1.37 5.79 6.38
C5' PSU A 5 0.54 6.73 5.11
O5' PSU A 5 -0.33 6.82 3.96
P PSU A 5 -0.24 7.93 2.83
OP1 PSU A 5 1.19 8.17 2.44
OP2 PSU A 5 -1.15 7.50 1.70
HN1 PSU A 5 -4.41 5.44 2.62
HN3 PSU A 5 -6.11 2.93 5.21
H6 PSU A 5 -2.42 5.67 3.93
H1' PSU A 5 -2.30 4.30 7.45
H2' PSU A 5 -1.34 2.64 5.49
HO2' PSU A 5 0.23 2.17 7.01
H3' PSU A 5 -0.29 4.40 4.26
H4' PSU A 5 0.61 5.53 6.93
H5' PSU A 5 0.55 7.67 5.63
H5'' PSU A 5 1.53 6.46 4.75
N1 PSU A 6 -2.66 1.00 2.90
C2 PSU A 6 -3.86 0.42 2.58
N3 PSU A 6 -4.20 -0.67 3.34
C4 PSU A 6 -3.46 -1.20 4.37
C5 PSU A 6 -2.20 -0.53 4.68
C6 PSU A 6 -1.84 0.51 3.90
O2 PSU A 6 -4.59 0.87 1.69
O4 PSU A 6 -3.90 -2.22 4.93
C1' PSU A 6 -1.33 -1.09 5.80
C2' PSU A 6 -0.43 -2.22 5.28
O2' PSU A 6 -0.29 -3.25 6.27
C3' PSU A 6 0.87 -1.47 5.02
C4' PSU A 6 0.89 -0.48 6.19
O3' PSU A 6 2.06 -2.28 5.05
O4' PSU A 6 -0.48 -0.04 6.32
C5' PSU A 6 1.86 0.66 5.83
O5' PSU A 6 1.33 1.37 4.69
P PSU A 6 1.90 2.74 4.12
OP1 PSU A 6 3.39 2.67 4.11
OP2 PSU A 6 1.21 2.97 2.81
HN1 PSU A 6 -2.39 1.75 2.30
HN3 PSU A 6 -5.02 -1.17 3.07
H6 PSU A 6 -0.91 1.03 4.01
H1' PSU A 6 -1.94 -1.46 6.60
H2' PSU A 6 -0.82 -2.69 4.40
HO2' PSU A 6 -1.15 -3.61 6.51
H3' PSU A 6 0.81 -0.97 4.08
H4' PSU A 6 1.19 -0.97 7.10
H5' PSU A 6 1.92 1.35 6.65
H5'' PSU A 6 2.82 0.27 5.55
C8 Y59 C . -3.73 1.93 -9.37
O17 Y59 C . -0.43 -4.86 -5.64
C7 Y59 C . -3.47 0.62 -9.05
C2 Y59 C . -0.41 1.19 -6.38
C1 Y59 C . -0.78 -0.17 -6.73
C3 Y59 C . -1.05 2.26 -7.01
C4 Y59 C . -2.05 1.94 -7.93
N5 Y59 C . -2.40 0.64 -8.17
N6 Y59 C . -1.79 -0.41 -7.58
N9 Y59 C . -2.90 2.75 -8.65
C10 Y59 C . 3.14 -4.23 -3.39
C11 Y59 C . 3.63 -2.91 -3.37
C12 Y59 C . 2.93 -1.89 -3.99
C13 Y59 C . 1.72 -2.15 -4.70
N14 Y59 C . 1.20 -3.46 -4.75
C15 Y59 C . 1.90 -4.46 -4.02
C16 Y59 C . 0.08 -3.75 -5.53
C18 Y59 C . -0.48 -2.59 -6.22
C19 Y59 C . -0.03 -1.26 -6.10
N20 Y59 C . 1.12 -1.08 -5.31
C21 Y59 C . 3.68 -7.65 -3.54
C22 Y59 C . 3.25 -6.60 -2.51
N23 Y59 C . 3.85 -5.29 -2.82
C24 Y59 C . 5.34 -5.31 -2.76
C25 Y59 C . 5.79 -6.30 -3.85
N26 Y59 C . 5.21 -7.70 -3.64
C27 Y59 C . 6.01 -5.82 -5.26
C28 Y59 C . 7.18 -6.23 -4.40
C29 Y59 C . -0.72 3.70 -6.68
C30 Y59 C . -4.85 2.37 -10.25
H7 Y59 C . -3.97 -0.30 -9.35
H2 Y59 C . 0.36 1.35 -5.64
H11 Y59 C . 4.54 -2.68 -2.84
H12 Y59 C . 3.35 -0.89 -3.94
H15 Y59 C . 1.42 -5.43 -4.05
H18 Y59 C . -1.37 -2.78 -6.80
H20 Y59 C . 1.50 -0.15 -5.18
H21B Y59 C . 3.28 -8.60 -3.20
H21A Y59 C . 3.29 -7.46 -4.54
H22B Y59 C . 2.15 -6.60 -2.43
H22A Y59 C . 3.59 -7.01 -1.55
H24B Y59 C . 5.80 -4.33 -2.93
H24A Y59 C . 5.68 -5.65 -1.77
H26B Y59 C . 5.59 -8.14 -2.79
H27A Y59 C . 5.71 -6.50 -6.06
H27B Y59 C . 5.86 -4.76 -5.48
H28B Y59 C . 7.81 -5.43 -4.03
H28A Y59 C . 7.72 -7.16 -4.62
H29B Y59 C . -1.63 4.26 -6.43
H29A Y59 C . -0.22 4.19 -7.53
H29C Y59 C . -0.04 3.78 -5.81
H30C Y59 C . -5.78 2.44 -9.67
H30B Y59 C . -4.99 1.66 -11.08
H30A Y59 C . -4.62 3.35 -10.69
H26A Y59 C . 5.53 -8.34 -4.38
H9 Y59 C . -2.87 3.76 -8.73
N1 PSU A 5 -4.24 4.96 3.46
C2 PSU A 5 -5.36 4.24 3.81
N3 PSU A 5 -5.27 3.59 5.01
C4 PSU A 5 -4.22 3.63 5.90
C5 PSU A 5 -3.08 4.47 5.50
C6 PSU A 5 -3.12 5.07 4.28
O2 PSU A 5 -6.39 4.20 3.12
O4 PSU A 5 -4.31 2.97 6.94
C1' PSU A 5 -1.92 4.61 6.46
C2' PSU A 5 -0.82 3.57 6.20
O2' PSU A 5 -0.23 3.16 7.44
C3' PSU A 5 0.15 4.34 5.32
C4' PSU A 5 0.08 5.71 6.01
O3' PSU A 5 1.51 3.84 5.32
O4' PSU A 5 -1.32 5.93 6.29
C5' PSU A 5 0.65 6.76 5.03
O5' PSU A 5 -0.20 6.85 3.86
P PSU A 5 -0.12 8.03 2.80
OP1 PSU A 5 1.32 8.26 2.47
OP2 PSU A 5 -0.95 7.66 1.60
HN1 PSU A 5 -4.29 5.38 2.55
HN3 PSU A 5 -6.03 2.99 5.25
H6 PSU A 5 -2.34 5.68 3.89
H1' PSU A 5 -2.27 4.53 7.47
H2' PSU A 5 -1.21 2.68 5.72
HO2' PSU A 5 0.57 2.67 7.25
H3' PSU A 5 -0.22 4.38 4.31
H4' PSU A 5 0.64 5.71 6.92
H5' PSU A 5 0.66 7.73 5.50
H5'' PSU A 5 1.62 6.45 4.70
N1 PSU A 6 -2.62 1.01 2.94
C2 PSU A 6 -3.83 0.42 2.59
N3 PSU A 6 -4.17 -0.67 3.36
C4 PSU A 6 -3.45 -1.22 4.38
C5 PSU A 6 -2.18 -0.55 4.71
C6 PSU A 6 -1.82 0.51 3.94
O2 PSU A 6 -4.54 0.85 1.69
O4 PSU A 6 -3.90 -2.23 4.94
C1' PSU A 6 -1.32 -1.10 5.83
C2' PSU A 6 -0.40 -2.23 5.34
O2' PSU A 6 -0.30 -3.25 6.34
C3' PSU A 6 0.91 -1.48 5.10
C4' PSU A 6 0.88 -0.47 6.25
O3' PSU A 6 2.09 -2.30 5.18
O4' PSU A 6 -0.49 -0.02 6.35
C5' PSU A 6 1.86 0.68 5.91
O5' PSU A 6 1.38 1.39 4.73
P PSU A 6 2.00 2.78 4.24
OP1 PSU A 6 3.49 2.70 4.33
OP2 PSU A 6 1.47 3.08 2.88
HN1 PSU A 6 -2.36 1.78 2.37
HN3 PSU A 6 -4.99 -1.17 3.07
H6 PSU A 6 -0.90 1.06 4.10
H1' PSU A 6 -1.96 -1.44 6.63
H2' PSU A 6 -0.78 -2.68 4.45
HO2' PSU A 6 0.49 -3.10 6.86
H3' PSU A 6 0.86 -0.98 4.14
H4' PSU A 6 1.17 -0.93 7.17
H5' PSU A 6 1.89 1.38 6.72
H5'' PSU A 6 2.83 0.28 5.67
C8 Y59 C . -4.42 2.47 -9.83
O17 Y59 C . -0.77 -4.24 -6.19
C7 Y59 C . -4.03 1.16 -9.64
C2 Y59 C . -1.27 1.74 -6.64
C1 Y59 C . -1.40 0.45 -7.21
C3 Y59 C . -2.05 2.80 -7.15
C4 Y59 C . -2.96 2.49 -8.16
N5 Y59 C . -3.08 1.20 -8.64
N6 Y59 C . -2.32 0.19 -8.18
N9 Y59 C . -3.81 3.27 -8.90
C10 Y59 C . 2.80 -3.42 -4.07
C11 Y59 C . 3.38 -2.15 -4.21
C12 Y59 C . 2.67 -1.16 -4.92
C13 Y59 C . 1.43 -1.45 -5.52
N14 Y59 C . 0.88 -2.73 -5.45
C15 Y59 C . 1.57 -3.69 -4.66
C16 Y59 C . -0.30 -3.11 -6.12
C18 Y59 C . -0.94 -1.96 -6.76
C19 Y59 C . -0.51 -0.59 -6.71
N20 Y59 C . 0.75 -0.36 -6.12
C21 Y59 C . 2.08 -6.27 -2.41
C22 Y59 C . 2.47 -4.85 -2.09
N23 Y59 C . 3.36 -4.39 -3.20
C24 Y59 C . 4.45 -5.29 -3.71
C25 Y59 C . 4.58 -6.52 -2.79
N26 Y59 C . 3.32 -7.19 -2.37
C27 Y59 C . 5.73 -7.43 -3.02
C28 Y59 C . 5.68 -6.57 -1.78
C29 Y59 C . -1.92 4.23 -6.62
C30 Y59 C . -5.38 2.92 -10.87
H7 Y59 C . -4.33 0.25 -10.14
H2 Y59 C . -0.55 1.93 -5.85
H11 Y59 C . 4.33 -1.96 -3.75
H12 Y59 C . 3.13 -0.18 -5.00
H15 Y59 C . 1.07 -4.65 -4.55
H18 Y59 C . -1.91 -2.13 -7.21
H20 Y59 C . 1.16 0.56 -6.12
H21B Y59 C . 1.59 -6.34 -3.38
H21A Y59 C . 1.38 -6.57 -1.62
H22B Y59 C . 2.97 -4.82 -1.12
H22A Y59 C . 1.57 -4.22 -2.01
H24B Y59 C . 4.25 -5.59 -4.75
H24A Y59 C . 5.40 -4.74 -3.72
H26B Y59 C . 3.34 -7.48 -1.37
H27A Y59 C . 5.54 -8.49 -2.95
H27B Y59 C . 6.42 -7.16 -3.83
H28B Y59 C . 6.33 -5.71 -1.75
H28A Y59 C . 5.47 -7.08 -0.84
H29B Y59 C . -2.71 4.43 -5.90
H29A Y59 C . -2.02 4.95 -7.43
H29C Y59 C . -0.95 4.41 -6.13
H30C Y59 C . -6.40 3.07 -10.46
H30B Y59 C . -5.46 2.21 -11.70
H30A Y59 C . -5.04 3.87 -11.29
H26A Y59 C . 3.11 -8.03 -2.92
H9 Y59 C . -3.90 4.28 -8.84
N1 PSU A 5 -4.25 5.02 3.44
C2 PSU A 5 -5.36 4.26 3.76
N3 PSU A 5 -5.24 3.57 4.94
C4 PSU A 5 -4.19 3.61 5.83
C5 PSU A 5 -3.07 4.51 5.46
C6 PSU A 5 -3.15 5.13 4.26
O2 PSU A 5 -6.38 4.22 3.06
O4 PSU A 5 -4.26 2.90 6.82
C1' PSU A 5 -1.89 4.62 6.42
C2' PSU A 5 -0.78 3.59 6.15
O2' PSU A 5 -0.20 3.15 7.38
C3' PSU A 5 0.16 4.40 5.26
C4' PSU A 5 0.09 5.76 5.95
O3' PSU A 5 1.53 3.92 5.17
O4' PSU A 5 -1.31 5.95 6.28
C5' PSU A 5 0.61 6.84 4.98
O5' PSU A 5 -0.27 6.91 3.83
P PSU A 5 -0.20 8.07 2.76
OP1 PSU A 5 1.23 8.33 2.42
OP2 PSU A 5 -1.09 7.67 1.61
HN1 PSU A 5 -4.34 5.52 2.57
HN3 PSU A 5 -5.99 2.95 5.16
H6 PSU A 5 -2.38 5.79 3.89
H1' PSU A 5 -2.25 4.53 7.43
H2' PSU A 5 -1.17 2.70 5.67
HO2' PSU A 5 0.46 2.49 7.20
H3' PSU A 5 -0.25 4.44 4.27
H4' PSU A 5 0.66 5.76 6.87
H5' PSU A 5 0.60 7.80 5.47
H5'' PSU A 5 1.59 6.57 4.66
N1 PSU A 6 -2.63 1.09 2.88
C2 PSU A 6 -3.83 0.50 2.52
N3 PSU A 6 -4.15 -0.60 3.27
C4 PSU A 6 -3.42 -1.16 4.28
C5 PSU A 6 -2.16 -0.47 4.62
C6 PSU A 6 -1.81 0.61 3.88
O2 PSU A 6 -4.53 0.94 1.63
O4 PSU A 6 -3.88 -2.18 4.83
C1' PSU A 6 -1.30 -1.06 5.73
C2' PSU A 6 -0.38 -2.18 5.19
O2' PSU A 6 -0.23 -3.21 6.16
C3' PSU A 6 0.92 -1.40 4.91
C4' PSU A 6 0.93 -0.45 6.11
O3' PSU A 6 2.11 -2.21 4.88
O4' PSU A 6 -0.45 -0.02 6.28
C5' PSU A 6 1.89 0.71 5.79
O5' PSU A 6 1.35 1.45 4.66
P PSU A 6 1.96 2.81 4.11
OP1 PSU A 6 3.46 2.77 4.11
OP2 PSU A 6 1.37 3.08 2.76
HN1 PSU A 6 -2.39 1.89 2.31
HN3 PSU A 6 -4.96 -1.12 2.99
H6 PSU A 6 -0.91 1.16 4.03
H1' PSU A 6 -1.93 -1.45 6.52
H2' PSU A 6 -0.77 -2.65 4.31
HO2' PSU A 6 0.27 -2.90 6.93
H3' PSU A 6 0.81 -0.86 3.99
H4' PSU A 6 1.25 -0.96 7.00
H5' PSU A 6 1.94 1.38 6.63
H5'' PSU A 6 2.84 0.33 5.50
C8 Y59 C . -3.62 1.85 -9.18
O17 Y59 C . -0.39 -5.15 -5.65
C7 Y59 C . -3.40 0.52 -8.88
C2 Y59 C . -0.41 0.94 -6.11
C1 Y59 C . -0.82 -0.38 -6.46
C3 Y59 C . -0.99 2.05 -6.75
C4 Y59 C . -1.96 1.77 -7.70
N5 Y59 C . -2.36 0.49 -7.98
N6 Y59 C . -1.81 -0.60 -7.37
N9 Y59 C . -2.75 2.62 -8.45
C10 Y59 C . 3.14 -4.49 -3.27
C11 Y59 C . 3.48 -3.16 -3.05
C12 Y59 C . 2.68 -2.13 -3.58
C13 Y59 C . 1.57 -2.43 -4.37
N14 Y59 C . 1.16 -3.76 -4.60
C15 Y59 C . 1.98 -4.78 -4.00
C16 Y59 C . 0.09 -4.04 -5.45
C18 Y59 C . -0.52 -2.83 -6.06
C19 Y59 C . -0.12 -1.51 -5.83
N20 Y59 C . 0.92 -1.33 -4.91
C21 Y59 C . 4.44 -7.92 -3.01
C22 Y59 C . 4.53 -6.54 -3.70
N23 Y59 C . 3.99 -5.51 -2.80
C24 Y59 C . 4.75 -5.30 -1.52
C25 Y59 C . 5.33 -6.65 -1.00
N26 Y59 C . 4.57 -7.86 -1.50
C27 Y59 C . 6.80 -6.79 -0.70
C28 Y59 C . 5.81 -6.66 0.43
C29 Y59 C . -0.59 3.47 -6.39
C30 Y59 C . -4.68 2.35 -10.09
H7 Y59 C . -3.90 -0.37 -9.22
H2 Y59 C . 0.36 1.08 -5.36
H11 Y59 C . 4.37 -2.88 -2.49
H12 Y59 C . 2.98 -1.11 -3.37
H15 Y59 C . 1.62 -5.81 -4.12
H18 Y59 C . -1.35 -3.01 -6.73
H20 Y59 C . 1.23 -0.41 -4.66
H21B Y59 C . 3.47 -8.38 -3.22
H21A Y59 C . 5.23 -8.56 -3.42
H22B Y59 C . 5.61 -6.33 -3.86
H22A Y59 C . 4.07 -6.55 -4.69
H24B Y59 C . 5.59 -4.61 -1.69
H24A Y59 C . 4.11 -4.87 -0.75
H26B Y59 C . 3.64 -7.69 -1.11
H27A Y59 C . 7.27 -7.76 -0.90
H27B Y59 C . 7.44 -5.94 -0.92
H28B Y59 C . 5.77 -5.72 0.97
H28A Y59 C . 5.63 -7.54 1.04
H29B Y59 C . -1.41 3.95 -5.84
H29A Y59 C . -0.39 4.05 -7.30
H29C Y59 C . 0.31 3.51 -5.76
H30C Y59 C . -5.63 2.44 -9.56
H30B Y59 C . -4.80 1.66 -10.94
H30A Y59 C . -4.41 3.33 -10.50
H26A Y59 C . 4.85 -8.78 -1.12
H9 Y59 C . -2.70 3.64 -8.48
N1 PSU A 5 -4.37 4.98 3.50
C2 PSU A 5 -5.48 4.21 3.82
N3 PSU A 5 -5.35 3.50 4.99
C4 PSU A 5 -4.30 3.51 5.87
C5 PSU A 5 -3.18 4.40 5.49
C6 PSU A 5 -3.26 5.07 4.31
O2 PSU A 5 -6.51 4.22 3.16
O4 PSU A 5 -4.34 2.77 6.85
C1' PSU A 5 -2.00 4.49 6.43
C2' PSU A 5 -0.91 3.47 6.05
O2' PSU A 5 -0.33 2.92 7.23
C3' PSU A 5 0.08 4.30 5.22
C4' PSU A 5 -0.01 5.63 5.97
O3' PSU A 5 1.45 3.83 5.23
O4' PSU A 5 -1.41 5.80 6.32
C5' PSU A 5 0.50 6.74 5.03
O5' PSU A 5 -0.36 6.83 3.86
P PSU A 5 -0.25 7.98 2.76
OP1 PSU A 5 1.19 8.27 2.44
OP2 PSU A 5 -1.11 7.62 1.59
HN1 PSU A 5 -4.47 5.46 2.64
HN3 PSU A 5 -6.11 2.87 5.20
H6 PSU A 5 -2.48 5.71 3.95
H1' PSU A 5 -2.31 4.33 7.44
H2' PSU A 5 -1.33 2.63 5.49
HO2' PSU A 5 0.33 2.27 6.98
H3' PSU A 5 -0.28 4.38 4.21
H4' PSU A 5 0.56 5.60 6.87
H5' PSU A 5 0.49 7.68 5.53
H5'' PSU A 5 1.48 6.47 4.69
N1 PSU A 6 -2.68 1.01 2.87
C2 PSU A 6 -3.91 0.44 2.58
N3 PSU A 6 -4.25 -0.63 3.37
C4 PSU A 6 -3.50 -1.17 4.39
C5 PSU A 6 -2.21 -0.52 4.66
C6 PSU A 6 -1.85 0.52 3.86
O2 PSU A 6 -4.66 0.88 1.71
O4 PSU A 6 -3.92 -2.19 4.94
C1' PSU A 6 -1.32 -1.08 5.75
C2' PSU A 6 -0.43 -2.21 5.20
O2' PSU A 6 -0.30 -3.26 6.16
C3' PSU A 6 0.89 -1.45 4.95
C4' PSU A 6 0.89 -0.49 6.13
O3' PSU A 6 2.07 -2.27 4.95
O4' PSU A 6 -0.47 -0.04 6.28
C5' PSU A 6 1.86 0.66 5.81
O5' PSU A 6 1.37 1.39 4.66
P PSU A 6 1.97 2.78 4.16
OP1 PSU A 6 3.47 2.71 4.20
OP2 PSU A 6 1.40 3.08 2.81
HN1 PSU A 6 -2.43 1.73 2.24
HN3 PSU A 6 -5.06 -1.16 3.11
H6 PSU A 6 -0.91 1.02 3.95
H1' PSU A 6 -1.92 -1.46 6.56
H2' PSU A 6 -0.83 -2.65 4.30
HO2' PSU A 6 -1.15 -3.68 6.31
H3' PSU A 6 0.81 -0.93 4.01
H4' PSU A 6 1.19 -1.00 7.03
H5' PSU A 6 1.92 1.34 6.64
H5'' PSU A 6 2.84 0.26 5.55
C8 Y59 C . -3.67 1.91 -9.29
O17 Y59 C . -0.52 -5.02 -5.75
C7 Y59 C . -3.46 0.60 -8.97
C2 Y59 C . -0.34 1.06 -6.34
C1 Y59 C . -0.79 -0.27 -6.63
C3 Y59 C . -0.93 2.15 -6.99
C4 Y59 C . -1.95 1.87 -7.90
N5 Y59 C . -2.38 0.59 -8.11
N6 Y59 C . -1.82 -0.49 -7.49
N9 Y59 C . -2.77 2.70 -8.62
C10 Y59 C . 2.92 -4.54 -3.37
C11 Y59 C . 3.40 -3.23 -3.20
C12 Y59 C . 2.71 -2.13 -3.74
C13 Y59 C . 1.54 -2.34 -4.51
N14 Y59 C . 1.05 -3.66 -4.73
C15 Y59 C . 1.73 -4.72 -4.07
C16 Y59 C . -0.01 -3.91 -5.57
C18 Y59 C . -0.53 -2.72 -6.23
C19 Y59 C . -0.10 -1.39 -5.99
N20 Y59 C . 0.92 -1.23 -5.04
C21 Y59 C . 4.05 -8.01 -2.15
C22 Y59 C . 3.01 -6.95 -2.58
N23 Y59 C . 3.66 -5.63 -2.90
C24 Y59 C . 5.15 -5.58 -2.85
C25 Y59 C . 5.61 -6.78 -3.73
N26 Y59 C . 5.18 -8.12 -3.16
C27 Y59 C . 5.62 -6.61 -5.23
C28 Y59 C . 6.92 -6.72 -4.47
C29 Y59 C . -0.51 3.58 -6.67
C30 Y59 C . -4.76 2.39 -10.17
H7 Y59 C . -3.99 -0.31 -9.25
H2 Y59 C . 0.46 1.21 -5.64
H11 Y59 C . 4.29 -3.05 -2.61
H12 Y59 C . 3.10 -1.14 -3.56
H15 Y59 C . 1.28 -5.71 -4.21
H18 Y59 C . -1.33 -2.87 -6.93
H20 Y59 C . 1.22 -0.31 -4.76
H21B Y59 C . 4.45 -7.69 -1.18
H21A Y59 C . 3.56 -8.98 -2.02
H22B Y59 C . 2.48 -7.34 -3.45
H22A Y59 C . 2.28 -6.81 -1.78
H24B Y59 C . 5.56 -4.65 -3.27
H24A Y59 C . 5.54 -5.68 -1.84
H26B Y59 C . 5.97 -8.62 -2.74
H27A Y59 C . 5.32 -7.46 -5.83
H27B Y59 C . 5.36 -5.64 -5.64
H28B Y59 C . 7.51 -5.81 -4.40
H28A Y59 C . 7.49 -7.63 -4.60
H29B Y59 C . -1.27 4.29 -6.99
H29A Y59 C . 0.42 3.84 -7.17
H29C Y59 C . -0.37 3.72 -5.59
H30C Y59 C . -4.54 3.38 -10.58
H30B Y59 C . -5.69 2.44 -9.60
H30A Y59 C . -4.90 1.69 -11.01
H26A Y59 C . 4.84 -8.78 -3.89
H9 Y59 C . -2.69 3.71 -8.72
N1 PSU A 5 -4.36 5.02 3.48
C2 PSU A 5 -5.45 4.26 3.87
N3 PSU A 5 -5.28 3.56 5.03
C4 PSU A 5 -4.19 3.61 5.88
C5 PSU A 5 -3.08 4.48 5.44
C6 PSU A 5 -3.22 5.12 4.25
O2 PSU A 5 -6.52 4.27 3.25
O4 PSU A 5 -4.18 2.87 6.86
C1' PSU A 5 -1.85 4.58 6.34
C2' PSU A 5 -0.81 3.54 5.94
O2' PSU A 5 -0.16 3.02 7.09
C3' PSU A 5 0.13 4.36 5.03
C4' PSU A 5 0.11 5.70 5.78
O3' PSU A 5 1.48 3.86 4.89
O4' PSU A 5 -1.26 5.89 6.22
C5' PSU A 5 0.57 6.79 4.79
O5' PSU A 5 -0.40 6.87 3.72
P PSU A 5 -0.38 7.96 2.56
OP1 PSU A 5 1.02 8.20 2.09
OP2 PSU A 5 -1.37 7.50 1.52
HN1 PSU A 5 -4.48 5.49 2.62
HN3 PSU A 5 -6.01 2.93 5.27
H6 PSU A 5 -2.45 5.75 3.84
H1' PSU A 5 -2.14 4.43 7.36
H2' PSU A 5 -1.25 2.69 5.44
HO2' PSU A 5 0.38 2.26 6.85
H3' PSU A 5 -0.33 4.45 4.06
H4' PSU A 5 0.75 5.67 6.65
H5' PSU A 5 0.62 7.75 5.29
H5'' PSU A 5 1.52 6.51 4.38
N1 PSU A 6 -2.77 1.08 2.84
C2 PSU A 6 -3.97 0.48 2.55
N3 PSU A 6 -4.25 -0.63 3.31
C4 PSU A 6 -3.46 -1.17 4.31
C5 PSU A 6 -2.19 -0.48 4.57
C6 PSU A 6 -1.89 0.59 3.79
O2 PSU A 6 -4.75 0.92 1.71
O4 PSU A 6 -3.85 -2.21 4.85
C1' PSU A 6 -1.26 -1.06 5.63
C2' PSU A 6 -0.37 -2.17 5.03
O2' PSU A 6 -0.19 -3.21 6.00
C3' PSU A 6 0.93 -1.41 4.73
C4' PSU A 6 0.97 -0.45 5.92
O3' PSU A 6 2.13 -2.22 4.71
O4' PSU A 6 -0.40 -0.02 6.15
C5' PSU A 6 1.89 0.73 5.53
O5' PSU A 6 1.28 1.42 4.41
P PSU A 6 1.81 2.77 3.79
OP1 PSU A 6 3.28 2.68 3.57
OP2 PSU A 6 1.02 2.96 2.53
HN1 PSU A 6 -2.55 1.84 2.23
HN3 PSU A 6 -5.05 -1.16 3.06
H6 PSU A 6 -0.98 1.15 3.88
H1' PSU A 6 -1.83 -1.46 6.44
H2' PSU A 6 -0.79 -2.63 4.15
HO2' PSU A 6 -0.84 -3.91 5.85
H3' PSU A 6 0.82 -0.89 3.80
H4' PSU A 6 1.33 -0.94 6.80
H5' PSU A 6 1.98 1.40 6.36
H5'' PSU A 6 2.86 0.35 5.21
C8 Y59 C . -3.60 1.82 -9.13
O17 Y59 C . -0.38 -5.19 -5.64
C7 Y59 C . -3.39 0.50 -8.81
C2 Y59 C . -0.35 0.91 -6.10
C1 Y59 C . -0.81 -0.40 -6.41
C3 Y59 C . -0.89 2.02 -6.76
C4 Y59 C . -1.89 1.75 -7.69
N5 Y59 C . -2.33 0.47 -7.92
N6 Y59 C . -1.80 -0.62 -7.30
N9 Y59 C . -2.69 2.60 -8.43
C10 Y59 C . 3.14 -4.54 -3.25
C11 Y59 C . 3.48 -3.20 -3.02
C12 Y59 C . 2.65 -2.17 -3.50
C13 Y59 C . 1.52 -2.46 -4.27
N14 Y59 C . 1.15 -3.81 -4.55
C15 Y59 C . 1.96 -4.83 -3.96
C16 Y59 C . 0.09 -4.07 -5.42
C18 Y59 C . -0.49 -2.86 -6.04
C19 Y59 C . -0.13 -1.53 -5.76
N20 Y59 C . 0.82 -1.38 -4.74
C21 Y59 C . 4.47 -7.96 -3.04
C22 Y59 C . 4.56 -6.56 -3.70
N23 Y59 C . 3.98 -5.55 -2.79
C24 Y59 C . 4.73 -5.37 -1.49
C25 Y59 C . 5.31 -6.73 -0.99
N26 Y59 C . 4.58 -7.94 -1.54
C27 Y59 C . 6.78 -6.87 -0.69
C28 Y59 C . 5.78 -6.77 0.44
C29 Y59 C . -0.44 3.43 -6.43
C30 Y59 C . -4.69 2.29 -10.01
H7 Y59 C . -3.93 -0.39 -9.10
H2 Y59 C . 0.45 1.06 -5.39
H11 Y59 C . 4.37 -2.93 -2.47
H12 Y59 C . 2.94 -1.15 -3.27
H15 Y59 C . 1.62 -5.85 -4.07
H18 Y59 C . -1.27 -3.03 -6.78
H20 Y59 C . 1.07 -0.45 -4.42
H21B Y59 C . 3.52 -8.44 -3.28
H21A Y59 C . 5.29 -8.55 -3.44
H22B Y59 C . 5.62 -6.33 -3.85
H22A Y59 C . 4.10 -6.56 -4.69
H24B Y59 C . 5.56 -4.67 -1.63
H24A Y59 C . 4.07 -4.97 -0.71
H26B Y59 C . 3.64 -7.77 -1.16
H27A Y59 C . 7.26 -7.82 -0.91
H27B Y59 C . 7.41 -6.00 -0.88
H28B Y59 C . 5.73 -5.84 0.99
H28A Y59 C . 5.60 -7.68 1.01
H29B Y59 C . -1.01 4.17 -7.01
H29A Y59 C . 0.62 3.57 -6.65
H29C Y59 C . -0.60 3.64 -5.37
H30C Y59 C . -4.81 1.62 -10.87
H30B Y59 C . -4.47 3.29 -10.42
H30A Y59 C . -5.63 2.34 -9.46
H26A Y59 C . 4.84 -8.87 -1.18
H9 Y59 C . -2.62 3.61 -8.50
N1 PSU A 5 -4.26 4.93 3.48
C2 PSU A 5 -5.38 4.18 3.80
N3 PSU A 5 -5.30 3.51 4.99
C4 PSU A 5 -4.25 3.53 5.89
C5 PSU A 5 -3.11 4.40 5.52
C6 PSU A 5 -3.15 5.02 4.31
O2 PSU A 5 -6.40 4.17 3.12
O4 PSU A 5 -4.32 2.82 6.90
C1' PSU A 5 -1.96 4.51 6.51
C2' PSU A 5 -0.86 3.47 6.23
O2' PSU A 5 -0.26 3.04 7.46
C3' PSU A 5 0.11 4.28 5.36
C4' PSU A 5 0.03 5.64 6.05
O3' PSU A 5 1.46 3.78 5.34
O4' PSU A 5 -1.38 5.84 6.37
C5' PSU A 5 0.57 6.70 5.09
O5' PSU A 5 -0.30 6.79 3.93
P PSU A 5 -0.20 7.91 2.82
OP1 PSU A 5 1.23 8.15 2.48
OP2 PSU A 5 -1.08 7.52 1.67
HN1 PSU A 5 -4.32 5.39 2.60
HN3 PSU A 5 -6.07 2.90 5.22
H6 PSU A 5 -2.36 5.64 3.94
H1' PSU A 5 -2.33 4.41 7.50
H2' PSU A 5 -1.25 2.60 5.76
HO2' PSU A 5 0.69 3.14 7.40
H3' PSU A 5 -0.29 4.33 4.36
H4' PSU A 5 0.59 5.63 6.97
H5' PSU A 5 0.58 7.67 5.56
H5'' PSU A 5 1.54 6.41 4.74
N1 PSU A 6 -2.65 0.99 2.91
C2 PSU A 6 -3.84 0.39 2.52
N3 PSU A 6 -4.19 -0.70 3.26
C4 PSU A 6 -3.50 -1.24 4.33
C5 PSU A 6 -2.25 -0.54 4.71
C6 PSU A 6 -1.88 0.53 3.96
O2 PSU A 6 -4.52 0.81 1.59
O4 PSU A 6 -3.95 -2.26 4.87
C1' PSU A 6 -1.42 -1.09 5.84
C2' PSU A 6 -0.52 -2.23 5.36
O2' PSU A 6 -0.38 -3.23 6.36
C3' PSU A 6 0.77 -1.47 5.08
C4' PSU A 6 0.79 -0.47 6.23
O3' PSU A 6 1.97 -2.30 5.10
O4' PSU A 6 -0.59 -0.03 6.37
C5' PSU A 6 1.77 0.67 5.88
O5' PSU A 6 1.32 1.36 4.70
P PSU A 6 1.94 2.75 4.21
OP1 PSU A 6 3.43 2.62 4.31
OP2 PSU A 6 1.26 3.01 2.89
HN1 PSU A 6 -2.37 1.75 2.31
HN3 PSU A 6 -4.99 -1.21 2.97
H6 PSU A 6 -0.97 1.08 4.12
H1' PSU A 6 -2.06 -1.44 6.63
H2' PSU A 6 -0.92 -2.72 4.48
HO2' PSU A 6 -1.22 -3.63 6.58
H3' PSU A 6 0.70 -0.98 4.12
H4' PSU A 6 1.09 -0.95 7.15
H5' PSU A 6 1.77 1.38 6.69
H5'' PSU A 6 2.75 0.27 5.67
C8 Y59 C . -4.35 2.18 -9.55
O17 Y59 C . -0.47 -4.47 -5.96
C7 Y59 C . -3.76 0.94 -9.55
C2 Y59 C . -1.53 1.31 -6.11
C1 Y59 C . -1.40 0.14 -6.87
C3 Y59 C . -2.40 2.33 -6.54
C4 Y59 C . -3.12 2.08 -7.71
N5 Y59 C . -2.97 0.89 -8.41
N6 Y59 C . -2.13 -0.07 -8.00
N9 Y59 C . -3.98 2.87 -8.43
C10 Y59 C . 3.00 -3.46 -3.74
C11 Y59 C . 3.41 -2.13 -3.76
C12 Y59 C . 2.64 -1.20 -4.45
C13 Y59 C . 1.51 -1.60 -5.20
N14 Y59 C . 1.11 -2.94 -5.25
C15 Y59 C . 1.88 -3.87 -4.47
C16 Y59 C . -0.05 -3.34 -5.90
C18 Y59 C . -0.78 -2.22 -6.48
C19 Y59 C . -0.45 -0.86 -6.41
N20 Y59 C . 0.74 -0.57 -5.75
C21 Y59 C . 2.02 -5.93 -1.88
C22 Y59 C . 2.88 -4.69 -1.70
N23 Y59 C . 3.64 -4.42 -2.94
C24 Y59 C . 4.34 -5.56 -3.59
C25 Y59 C . 4.22 -6.85 -2.68
N26 Y59 C . 2.91 -7.19 -2.13
C27 Y59 C . 5.13 -8.03 -2.95
C28 Y59 C . 5.39 -7.18 -1.74
C29 Y59 C . -2.54 3.63 -5.77
C30 Y59 C . -5.24 2.70 -10.63
H7 Y59 C . -3.85 0.11 -10.25
H2 Y59 C . -0.98 1.45 -5.18
H11 Y59 C . 4.34 -1.87 -3.24
H12 Y59 C . 2.95 -0.16 -4.39
H15 Y59 C . 1.57 -4.91 -4.52
H18 Y59 C . -1.68 -2.51 -7.00
H20 Y59 C . 1.02 0.39 -5.61
H21B Y59 C . 1.39 -6.06 -1.00
H21A Y59 C . 1.44 -5.77 -2.78
H22B Y59 C . 3.55 -4.88 -0.84
H22A Y59 C . 2.17 -3.89 -1.46
H24B Y59 C . 3.95 -5.72 -4.60
H24A Y59 C . 5.41 -5.34 -3.75
H26B Y59 C . 3.00 -7.59 -1.18
H27A Y59 C . 4.69 -9.01 -2.76
H27B Y59 C . 5.82 -8.07 -3.80
H28B Y59 C . 6.28 -6.56 -1.75
H28A Y59 C . 5.13 -7.60 -0.77
H29B Y59 C . -1.66 3.84 -5.14
H29A Y59 C . -3.43 3.58 -5.13
H29C Y59 C . -2.66 4.46 -6.47
H30C Y59 C . -5.35 2.00 -11.47
H30B Y59 C . -4.84 3.63 -11.04
H30A Y59 C . -6.24 2.92 -10.23
H26A Y59 C . 2.45 -7.95 -2.63
H9 Y59 C . -4.25 3.81 -8.20
N1 PSU A 5 -4.27 4.91 3.60
C2 PSU A 5 -5.35 4.15 4.02
N3 PSU A 5 -5.15 3.47 5.19
C4 PSU A 5 -4.03 3.52 6.00
C5 PSU A 5 -2.96 4.43 5.54
C6 PSU A 5 -3.11 5.03 4.34
O2 PSU A 5 -6.41 4.14 3.42
O4 PSU A 5 -4.01 2.81 7.01
C1' PSU A 5 -1.74 4.59 6.43
C2' PSU A 5 -0.64 3.55 6.09
O2' PSU A 5 0.03 3.15 7.30
C3' PSU A 5 0.27 4.35 5.15
C4' PSU A 5 0.21 5.72 5.81
O3' PSU A 5 1.63 3.87 5.09
O4' PSU A 5 -1.17 5.90 6.21
C5' PSU A 5 0.67 6.77 4.76
O5' PSU A 5 -0.28 6.81 3.69
P PSU A 5 -0.30 7.94 2.57
OP1 PSU A 5 1.10 8.19 2.12
OP2 PSU A 5 -1.29 7.52 1.51
HN1 PSU A 5 -4.43 5.39 2.74
HN3 PSU A 5 -5.86 2.82 5.46
H6 PSU A 5 -2.36 5.66 3.91
H1' PSU A 5 -2.03 4.50 7.46
H2' PSU A 5 -1.05 2.67 5.65
HO2' PSU A 5 0.81 2.65 7.06
H3' PSU A 5 -0.17 4.35 4.17
H4' PSU A 5 0.84 5.75 6.68
H5' PSU A 5 0.72 7.75 5.21
H5'' PSU A 5 1.61 6.45 4.35
N1 PSU A 6 -2.62 1.06 2.86
C2 PSU A 6 -3.83 0.46 2.55
N3 PSU A 6 -4.11 -0.67 3.26
C4 PSU A 6 -3.32 -1.24 4.25
C5 PSU A 6 -2.06 -0.53 4.55
C6 PSU A 6 -1.76 0.56 3.82
O2 PSU A 6 -4.59 0.92 1.71
O4 PSU A 6 -3.72 -2.28 4.79
C1' PSU A 6 -1.14 -1.12 5.60
C2' PSU A 6 -0.25 -2.22 5.01
O2' PSU A 6 -0.05 -3.25 5.99
C3' PSU A 6 1.03 -1.44 4.71
C4' PSU A 6 1.09 -0.49 5.90
O3' PSU A 6 2.24 -2.23 4.65
O4' PSU A 6 -0.29 -0.07 6.12
C5' PSU A 6 2.03 0.69 5.57
O5' PSU A 6 1.50 1.43 4.46
P PSU A 6 2.10 2.83 3.98
OP1 PSU A 6 3.59 2.78 3.98
OP2 PSU A 6 1.55 3.19 2.63
HN1 PSU A 6 -2.41 1.86 2.30
HN3 PSU A 6 -4.93 -1.19 3.01
H6 PSU A 6 -0.84 1.11 3.94
H1' PSU A 6 -1.72 -1.51 6.43
H2' PSU A 6 -0.69 -2.70 4.15
HO2' PSU A 6 -0.85 -3.73 6.17
H3' PSU A 6 0.90 -0.90 3.78
H4' PSU A 6 1.44 -1.02 6.78
H5' PSU A 6 2.08 1.35 6.42
H5'' PSU A 6 2.99 0.31 5.29
C8 Y59 C . -3.64 2.01 -9.20
O17 Y59 C . -0.56 -5.03 -5.78
C7 Y59 C . -3.45 0.68 -8.89
C2 Y59 C . -0.31 1.05 -6.27
C1 Y59 C . -0.79 -0.25 -6.59
C3 Y59 C . -0.89 2.17 -6.90
C4 Y59 C . -1.93 1.91 -7.80
N5 Y59 C . -2.37 0.63 -8.04
N6 Y59 C . -1.81 -0.45 -7.44
N9 Y59 C . -2.73 2.78 -8.51
C10 Y59 C . 2.91 -4.61 -3.38
C11 Y59 C . 3.40 -3.32 -3.21
C12 Y59 C . 2.72 -2.21 -3.74
C13 Y59 C . 1.56 -2.37 -4.51
N14 Y59 C . 1.05 -3.70 -4.73
C15 Y59 C . 1.71 -4.76 -4.09
C16 Y59 C . -0.01 -3.94 -5.57
C18 Y59 C . -0.54 -2.70 -6.21
C19 Y59 C . -0.09 -1.42 -5.96
N20 Y59 C . 0.96 -1.27 -5.06
C21 Y59 C . 3.98 -8.11 -2.17
C22 Y59 C . 2.95 -7.02 -2.59
N23 Y59 C . 3.63 -5.71 -2.91
C24 Y59 C . 5.12 -5.70 -2.86
C25 Y59 C . 5.56 -6.88 -3.74
N26 Y59 C . 5.11 -8.23 -3.17
C27 Y59 C . 5.60 -6.73 -5.24
C28 Y59 C . 6.89 -6.84 -4.45
C29 Y59 C . -0.46 3.58 -6.59
C30 Y59 C . -4.72 2.52 -10.08
H7 Y59 C . -4.01 -0.21 -9.19
H2 Y59 C . 0.51 1.22 -5.58
H11 Y59 C . 4.30 -3.14 -2.62
H12 Y59 C . 3.14 -1.21 -3.55
H15 Y59 C . 1.28 -5.76 -4.23
H18 Y59 C . -1.37 -2.96 -6.86
H20 Y59 C . 1.29 -0.34 -4.79
H21B Y59 C . 4.39 -7.82 -1.21
H21A Y59 C . 3.48 -9.07 -2.06
H22B Y59 C . 2.41 -7.38 -3.47
H22A Y59 C . 2.23 -6.88 -1.79
H24B Y59 C . 5.55 -4.77 -3.28
H24A Y59 C . 5.50 -5.80 -1.84
H26B Y59 C . 5.89 -8.73 -2.74
H27A Y59 C . 5.32 -7.57 -5.86
H27B Y59 C . 5.38 -5.75 -5.66
H28B Y59 C . 7.50 -5.95 -4.37
H28A Y59 C . 7.46 -7.76 -4.58
H29B Y59 C . -1.21 4.08 -5.97
H29A Y59 C . -0.34 4.16 -7.51
H29C Y59 C . 0.50 3.62 -6.06
H30C Y59 C . -4.88 1.84 -10.92
H30B Y59 C . -4.43 3.49 -10.50
H30A Y59 C . -5.65 2.62 -9.53
H26A Y59 C . 4.78 -8.88 -3.90
H9 Y59 C . -2.62 3.78 -8.60
N1 PSU A 5 -4.36 4.97 3.53
C2 PSU A 5 -5.47 4.23 3.86
N3 PSU A 5 -5.37 3.53 5.04
C4 PSU A 5 -4.31 3.55 5.92
C5 PSU A 5 -3.17 4.41 5.53
C6 PSU A 5 -3.24 5.06 4.35
O2 PSU A 5 -6.49 4.22 3.18
O4 PSU A 5 -4.37 2.83 6.92
C1' PSU A 5 -1.98 4.47 6.47
C2' PSU A 5 -0.92 3.44 6.08
O2' PSU A 5 -0.35 2.88 7.26
C3' PSU A 5 0.08 4.29 5.26
C4' PSU A 5 0.01 5.61 6.03
O3' PSU A 5 1.44 3.78 5.22
O4' PSU A 5 -1.38 5.79 6.39
C5' PSU A 5 0.51 6.73 5.10
O5' PSU A 5 -0.37 6.81 3.93
P PSU A 5 -0.26 7.92 2.81
OP1 PSU A 5 1.16 8.19 2.42
OP2 PSU A 5 -1.17 7.53 1.68
HN1 PSU A 5 -4.43 5.44 2.65
HN3 PSU A 5 -6.13 2.93 5.25
H6 PSU A 5 -2.45 5.68 3.97
H1' PSU A 5 -2.31 4.30 7.47
H2' PSU A 5 -1.34 2.62 5.53
HO2' PSU A 5 0.24 2.17 7.02
H3' PSU A 5 -0.29 4.38 4.26
H4' PSU A 5 0.60 5.56 6.93
H5' PSU A 5 0.47 7.68 5.61
H5'' PSU A 5 1.50 6.50 4.77
N1 PSU A 6 -2.72 0.97 2.88
C2 PSU A 6 -3.93 0.39 2.57
N3 PSU A 6 -4.25 -0.70 3.33
C4 PSU A 6 -3.52 -1.23 4.37
C5 PSU A 6 -2.26 -0.54 4.68
C6 PSU A 6 -1.90 0.51 3.89
O2 PSU A 6 -4.66 0.83 1.69
O4 PSU A 6 -3.96 -2.24 4.92
C1' PSU A 6 -1.41 -1.08 5.81
C2' PSU A 6 -0.50 -2.23 5.34
O2' PSU A 6 -0.35 -3.20 6.36
C3' PSU A 6 0.80 -1.47 5.02
C4' PSU A 6 0.82 -0.46 6.18
O3' PSU A 6 1.98 -2.31 5.06
O4' PSU A 6 -0.56 -0.02 6.32
C5' PSU A 6 1.79 0.67 5.82
O5' PSU A 6 1.29 1.38 4.66
P PSU A 6 1.92 2.73 4.13
OP1 PSU A 6 3.41 2.64 4.16
OP2 PSU A 6 1.31 2.99 2.79
HN1 PSU A 6 -2.49 1.76 2.31
HN3 PSU A 6 -5.07 -1.21 3.07
H6 PSU A 6 -0.98 1.05 4.02
H1' PSU A 6 -2.03 -1.42 6.61
H2' PSU A 6 -0.90 -2.74 4.47
HO2' PSU A 6 0.55 -3.53 6.35
H3' PSU A 6 0.72 -0.99 4.07
H4' PSU A 6 1.12 -0.94 7.09
H5' PSU A 6 1.86 1.36 6.63
H5'' PSU A 6 2.74 0.25 5.55
C8 Y59 C . -3.78 1.95 -9.40
O17 Y59 C . -0.48 -4.85 -5.66
C7 Y59 C . -3.51 0.63 -9.09
C2 Y59 C . -0.50 1.19 -6.37
C1 Y59 C . -0.85 -0.15 -6.72
C3 Y59 C . -1.13 2.27 -6.99
C4 Y59 C . -2.12 1.95 -7.93
N5 Y59 C . -2.46 0.64 -8.19
N6 Y59 C . -1.85 -0.41 -7.60
N9 Y59 C . -2.95 2.77 -8.67
C10 Y59 C . 3.08 -4.22 -3.40
C11 Y59 C . 3.57 -2.90 -3.39
C12 Y59 C . 2.86 -1.88 -3.99
C13 Y59 C . 1.65 -2.13 -4.69
N14 Y59 C . 1.13 -3.45 -4.76
C15 Y59 C . 1.83 -4.44 -4.02
C16 Y59 C . 0.03 -3.75 -5.55
C18 Y59 C . -0.55 -2.57 -6.22
C19 Y59 C . -0.10 -1.25 -6.10
N20 Y59 C . 1.06 -1.06 -5.33
C21 Y59 C . 3.64 -7.62 -3.55
C22 Y59 C . 3.19 -6.58 -2.52
N23 Y59 C . 3.79 -5.28 -2.84
C24 Y59 C . 5.28 -5.29 -2.76
C25 Y59 C . 5.75 -6.30 -3.83
N26 Y59 C . 5.18 -7.69 -3.64
C27 Y59 C . 5.97 -5.82 -5.24
C28 Y59 C . 7.15 -6.21 -4.38
C29 Y59 C . -0.80 3.70 -6.64
C30 Y59 C . -4.87 2.39 -10.31
H7 Y59 C . -3.99 -0.29 -9.41
H2 Y59 C . 0.27 1.37 -5.62
H11 Y59 C . 4.50 -2.67 -2.88
H12 Y59 C . 3.28 -0.88 -3.96
H15 Y59 C . 1.36 -5.42 -4.05
H18 Y59 C . -1.43 -2.78 -6.81
H20 Y59 C . 1.48 -0.15 -5.25
H21B Y59 C . 3.23 -8.59 -3.25
H21A Y59 C . 3.25 -7.40 -4.55
H22B Y59 C . 2.10 -6.58 -2.45
H22A Y59 C . 3.54 -6.98 -1.55
H24B Y59 C . 5.75 -4.31 -2.96
H24A Y59 C . 5.61 -5.60 -1.76
H26B Y59 C . 5.53 -8.17 -2.80
H27A Y59 C . 5.68 -6.51 -6.03
H27B Y59 C . 5.81 -4.77 -5.46
H28B Y59 C . 7.78 -5.40 -4.02
H28A Y59 C . 7.68 -7.14 -4.60
H29B Y59 C . -0.96 4.38 -7.49
H29A Y59 C . 0.25 3.81 -6.32
H29C Y59 C . -1.44 4.05 -5.82
H30C Y59 C . -5.80 2.56 -9.77
H30B Y59 C . -5.04 1.65 -11.10
H30A Y59 C . -4.58 3.33 -10.81
H26A Y59 C . 5.47 -8.32 -4.40
H9 Y59 C . -2.92 3.77 -8.73
N1 PSU A 5 -4.30 5.05 3.52
C2 PSU A 5 -5.41 4.28 3.84
N3 PSU A 5 -5.28 3.57 5.01
C4 PSU A 5 -4.22 3.59 5.88
C5 PSU A 5 -3.11 4.49 5.52
C6 PSU A 5 -3.19 5.14 4.33
O2 PSU A 5 -6.43 4.27 3.16
O4 PSU A 5 -4.28 2.86 6.88
C1' PSU A 5 -1.92 4.61 6.47
C2' PSU A 5 -0.84 3.57 6.16
O2' PSU A 5 -0.20 3.15 7.36
C3' PSU A 5 0.10 4.38 5.23
C4' PSU A 5 0.05 5.72 5.94
O3' PSU A 5 1.46 3.87 5.14
O4' PSU A 5 -1.34 5.93 6.31
C5' PSU A 5 0.56 6.80 4.96
O5' PSU A 5 -0.32 6.88 3.84
P PSU A 5 -0.23 8.02 2.73
OP1 PSU A 5 1.19 8.26 2.36
OP2 PSU A 5 -1.15 7.62 1.61
HN1 PSU A 5 -4.41 5.56 2.67
HN3 PSU A 5 -6.04 2.95 5.23
H6 PSU A 5 -2.42 5.80 3.97
H1' PSU A 5 -2.26 4.50 7.48
H2' PSU A 5 -1.24 2.70 5.69
HO2' PSU A 5 0.54 2.58 7.16
H3' PSU A 5 -0.34 4.43 4.25
H4' PSU A 5 0.65 5.71 6.83
H5' PSU A 5 0.58 7.76 5.45
H5'' PSU A 5 1.54 6.51 4.61
N1 PSU A 6 -2.69 1.10 2.97
C2 PSU A 6 -3.88 0.49 2.60
N3 PSU A 6 -4.19 -0.64 3.31
C4 PSU A 6 -3.45 -1.19 4.33
C5 PSU A 6 -2.20 -0.49 4.68
C6 PSU A 6 -1.88 0.62 3.96
O2 PSU A 6 -4.59 0.94 1.70
O4 PSU A 6 -3.88 -2.23 4.84
C1' PSU A 6 -1.33 -1.08 5.77
C2' PSU A 6 -0.42 -2.19 5.22
O2' PSU A 6 -0.23 -3.20 6.22
C3' PSU A 6 0.88 -1.42 4.93
C4' PSU A 6 0.92 -0.46 6.12
O3' PSU A 6 2.09 -2.22 4.90
O4' PSU A 6 -0.47 -0.05 6.33
C5' PSU A 6 1.84 0.72 5.75
O5' PSU A 6 1.29 1.42 4.61
P PSU A 6 1.87 2.79 4.05
OP1 PSU A 6 3.36 2.74 4.01
OP2 PSU A 6 1.19 3.04 2.74
HN1 PSU A 6 -2.51 1.95 2.46
HN3 PSU A 6 -4.99 -1.16 3.02
H6 PSU A 6 -0.98 1.17 4.12
H1' PSU A 6 -1.94 -1.46 6.56
H2' PSU A 6 -0.81 -2.67 4.34
HO2' PSU A 6 -1.05 -3.69 6.35
H3' PSU A 6 0.78 -0.89 4.00
H4' PSU A 6 1.26 -0.97 7.00
H5' PSU A 6 1.90 1.40 6.58
H5'' PSU A 6 2.81 0.34 5.48
C8 Y59 C . -3.55 1.86 -9.22
O17 Y59 C . -0.38 -5.14 -5.65
C7 Y59 C . -3.36 0.53 -8.91
C2 Y59 C . -0.38 0.94 -6.12
C1 Y59 C . -0.82 -0.37 -6.45
C3 Y59 C . -0.94 2.05 -6.79
C4 Y59 C . -1.91 1.76 -7.74
N5 Y59 C . -2.33 0.49 -7.99
N6 Y59 C . -1.80 -0.59 -7.37
N9 Y59 C . -2.68 2.63 -8.49
C10 Y59 C . 3.15 -4.47 -3.27
C11 Y59 C . 3.49 -3.13 -3.07
C12 Y59 C . 2.66 -2.10 -3.54
C13 Y59 C . 1.51 -2.40 -4.29
N14 Y59 C . 1.15 -3.75 -4.56
C15 Y59 C . 1.97 -4.77 -3.97
C16 Y59 C . 0.09 -4.02 -5.43
C18 Y59 C . -0.49 -2.82 -6.07
C19 Y59 C . -0.15 -1.49 -5.79
N20 Y59 C . 0.77 -1.33 -4.74
C21 Y59 C . 4.49 -7.88 -3.04
C22 Y59 C . 4.58 -6.48 -3.71
N23 Y59 C . 4.00 -5.48 -2.80
C24 Y59 C . 4.75 -5.28 -1.52
C25 Y59 C . 5.31 -6.63 -1.00
N26 Y59 C . 4.60 -7.85 -1.53
C27 Y59 C . 6.79 -6.76 -0.68
C28 Y59 C . 5.78 -6.66 0.44
C29 Y59 C . -0.52 3.48 -6.46
C30 Y59 C . -4.61 2.35 -10.14
H7 Y59 C . -3.87 -0.37 -9.24
H2 Y59 C . 0.40 1.10 -5.39
H11 Y59 C . 4.39 -2.86 -2.53
H12 Y59 C . 2.94 -1.08 -3.31
H15 Y59 C . 1.62 -5.79 -4.08
H18 Y59 C . -1.27 -3.00 -6.81
H20 Y59 C . 0.97 -0.41 -4.38
H21B Y59 C . 3.53 -8.34 -3.28
H21A Y59 C . 5.30 -8.49 -3.43
H22B Y59 C . 5.64 -6.26 -3.86
H22A Y59 C . 4.12 -6.48 -4.71
H24B Y59 C . 5.59 -4.59 -1.68
H24A Y59 C . 4.10 -4.85 -0.75
H26B Y59 C . 3.64 -7.71 -1.15
H27A Y59 C . 7.28 -7.71 -0.86
H27B Y59 C . 7.43 -5.90 -0.85
H28B Y59 C . 5.73 -5.72 1.00
H28A Y59 C . 5.59 -7.55 1.04
H29B Y59 C . -0.02 3.94 -7.32
H29A Y59 C . 0.16 3.51 -5.61
H29C Y59 C . -1.41 4.07 -6.20
H30C Y59 C . -4.77 1.64 -10.96
H30B Y59 C . -4.34 3.31 -10.59
H30A Y59 C . -5.56 2.47 -9.60
H26A Y59 C . 4.87 -8.76 -1.16
H9 Y59 C . -2.64 3.64 -8.51
#